data_4MUJ
#
_entry.id   4MUJ
#
_cell.length_a   48.730
_cell.length_b   70.770
_cell.length_c   81.820
_cell.angle_alpha   90.00
_cell.angle_beta   99.36
_cell.angle_gamma   90.00
#
_symmetry.space_group_name_H-M   'P 1 21 1'
#
loop_
_entity.id
_entity.type
_entity.pdbx_description
1 polymer 'Pantothenate synthetase'
2 non-polymer ETHANOL
3 non-polymer '{2-[(benzylsulfonyl)carbamoyl]-5-methoxy-1H-indol-1-yl}acetic acid'
4 non-polymer 1,2-ETHANEDIOL
5 non-polymer GLYCEROL
6 water water
#
_entity_poly.entity_id   1
_entity_poly.type   'polypeptide(L)'
_entity_poly.pdbx_seq_one_letter_code
;MAIPAFHPGELNVYSAPGDVADVSRALRLTGRRVMLVPTMGALHEGHLALVRAAKRVPGSVVVVSIFVNPMQFGAGGDLD
AYPRTPDDDLAQLRAEGVEIAFTPTTAAMYPDGLRTTVQPGPLAAELEGGPRPTHFAGVLTVVLKLLQIVRPDRVFFGEK
DYQQLVLIRQLVADFNLDVAVVGVPTVREADGLAMSSRNRYLDPAQRAAAVALSAALTAAAHAATAGAQAALDAARAVLD
AAPGVAVDYLELRDIGLGPMPLNGSGRLLVAARLGTTRLLDNIAIEIGTFAGTDRPDGYR
;
_entity_poly.pdbx_strand_id   A,B
#
# COMPACT_ATOMS: atom_id res chain seq x y z
N ILE A 3 24.49 -3.98 -1.35
CA ILE A 3 24.79 -3.52 -2.74
C ILE A 3 25.60 -4.60 -3.50
N PRO A 4 24.91 -5.51 -4.24
CA PRO A 4 25.62 -6.56 -5.01
C PRO A 4 26.34 -5.97 -6.25
N ALA A 5 26.99 -6.79 -7.07
CA ALA A 5 27.62 -6.27 -8.31
C ALA A 5 26.61 -5.61 -9.28
N PHE A 6 26.90 -4.39 -9.73
CA PHE A 6 26.22 -3.82 -10.91
C PHE A 6 27.21 -3.61 -12.04
N HIS A 7 27.01 -4.34 -13.14
CA HIS A 7 27.77 -4.14 -14.38
C HIS A 7 27.01 -3.31 -15.44
N PRO A 8 27.35 -1.99 -15.55
CA PRO A 8 26.68 -1.13 -16.53
C PRO A 8 26.89 -1.62 -17.96
N GLY A 9 25.90 -1.42 -18.79
CA GLY A 9 25.96 -1.90 -20.16
C GLY A 9 25.83 -3.41 -20.32
N GLU A 10 25.44 -4.14 -19.26
CA GLU A 10 24.88 -5.49 -19.50
C GLU A 10 23.69 -5.85 -18.59
N LEU A 11 23.08 -7.02 -18.83
CA LEU A 11 21.91 -7.40 -18.07
C LEU A 11 22.33 -7.97 -16.72
N ASN A 12 21.98 -7.25 -15.68
CA ASN A 12 22.16 -7.75 -14.31
C ASN A 12 20.81 -8.29 -13.84
N VAL A 13 20.81 -9.52 -13.36
CA VAL A 13 19.58 -10.18 -12.91
C VAL A 13 19.66 -10.30 -11.41
N TYR A 14 18.68 -9.77 -10.68
CA TYR A 14 18.61 -9.99 -9.23
C TYR A 14 17.32 -10.66 -8.86
N SER A 15 17.40 -11.64 -7.97
CA SER A 15 16.23 -12.32 -7.42
C SER A 15 15.82 -11.73 -6.06
N ALA A 16 16.77 -11.24 -5.29
CA ALA A 16 16.48 -10.77 -3.94
C ALA A 16 16.01 -9.32 -3.94
N PRO A 17 14.89 -9.07 -3.23
CA PRO A 17 14.38 -7.72 -3.23
C PRO A 17 15.37 -6.76 -2.62
N GLY A 18 16.05 -7.16 -1.54
CA GLY A 18 17.11 -6.33 -0.95
C GLY A 18 18.19 -5.95 -1.96
N ASP A 19 18.56 -6.86 -2.86
CA ASP A 19 19.60 -6.55 -3.88
C ASP A 19 19.17 -5.47 -4.87
N VAL A 20 17.98 -5.63 -5.43
CA VAL A 20 17.54 -4.66 -6.45
C VAL A 20 17.29 -3.33 -5.78
N ALA A 21 16.81 -3.33 -4.53
CA ALA A 21 16.56 -2.13 -3.77
C ALA A 21 17.85 -1.34 -3.57
N ASP A 22 18.93 -2.02 -3.16
CA ASP A 22 20.21 -1.35 -2.85
C ASP A 22 20.84 -0.79 -4.14
N VAL A 23 20.83 -1.60 -5.19
CA VAL A 23 21.34 -1.18 -6.48
C VAL A 23 20.57 0.06 -6.97
N SER A 24 19.25 -0.01 -6.91
CA SER A 24 18.41 1.12 -7.36
C SER A 24 18.74 2.41 -6.60
N ARG A 25 18.90 2.32 -5.29
CA ARG A 25 19.07 3.48 -4.46
C ARG A 25 20.46 4.02 -4.78
N ALA A 26 21.42 3.11 -4.90
CA ALA A 26 22.78 3.45 -5.30
C ALA A 26 22.77 4.30 -6.60
N LEU A 27 22.08 3.77 -7.62
CA LEU A 27 21.97 4.44 -8.92
C LEU A 27 21.30 5.81 -8.82
N ARG A 28 20.15 5.89 -8.12
CA ARG A 28 19.44 7.14 -7.92
C ARG A 28 20.35 8.22 -7.23
N LEU A 29 21.18 7.79 -6.31
CA LEU A 29 22.02 8.73 -5.56
C LEU A 29 23.16 9.22 -6.45
N THR A 30 23.52 8.45 -7.47
CA THR A 30 24.54 8.96 -8.37
C THR A 30 24.00 9.68 -9.59
N GLY A 31 22.69 9.89 -9.69
CA GLY A 31 22.18 10.73 -10.80
C GLY A 31 21.30 10.07 -11.85
N ARG A 32 21.30 8.74 -11.91
CA ARG A 32 20.49 8.05 -12.88
C ARG A 32 19.03 8.01 -12.44
N ARG A 33 18.14 8.24 -13.38
CA ARG A 33 16.70 8.06 -13.14
C ARG A 33 16.29 6.61 -13.39
N VAL A 34 15.62 6.04 -12.40
CA VAL A 34 15.25 4.62 -12.44
C VAL A 34 13.82 4.48 -13.04
N MET A 35 13.73 3.72 -14.13
CA MET A 35 12.45 3.43 -14.80
C MET A 35 12.04 2.00 -14.46
N LEU A 36 10.75 1.74 -14.26
CA LEU A 36 10.37 0.36 -13.89
C LEU A 36 9.32 -0.07 -14.91
N VAL A 37 9.48 -1.26 -15.48
CA VAL A 37 8.48 -1.85 -16.33
C VAL A 37 8.03 -3.20 -15.74
N PRO A 38 6.87 -3.26 -15.05
CA PRO A 38 6.41 -4.48 -14.36
C PRO A 38 5.88 -5.37 -15.46
N THR A 39 6.28 -6.63 -15.42
CA THR A 39 5.67 -7.62 -16.34
C THR A 39 5.36 -8.95 -15.60
N MET A 40 4.57 -9.78 -16.23
CA MET A 40 4.41 -11.11 -15.74
C MET A 40 5.07 -12.12 -16.69
N GLY A 41 6.12 -11.66 -17.41
CA GLY A 41 6.87 -12.58 -18.31
C GLY A 41 6.11 -12.83 -19.61
N ALA A 42 6.54 -13.82 -20.41
CA ALA A 42 6.01 -14.03 -21.72
C ALA A 42 5.96 -12.77 -22.57
N LEU A 43 7.11 -12.14 -22.70
CA LEU A 43 7.22 -10.82 -23.24
C LEU A 43 6.89 -10.83 -24.73
N HIS A 44 6.20 -9.81 -25.18
CA HIS A 44 5.94 -9.67 -26.58
C HIS A 44 6.33 -8.28 -26.89
N GLU A 45 6.11 -7.90 -28.15
CA GLU A 45 6.54 -6.64 -28.68
C GLU A 45 5.92 -5.47 -27.91
N GLY A 46 4.78 -5.72 -27.27
CA GLY A 46 4.09 -4.75 -26.38
C GLY A 46 4.93 -4.39 -25.13
N HIS A 47 5.39 -5.41 -24.41
CA HIS A 47 6.37 -5.17 -23.36
C HIS A 47 7.63 -4.46 -23.88
N LEU A 48 8.09 -4.82 -25.10
CA LEU A 48 9.33 -4.18 -25.66
C LEU A 48 9.10 -2.72 -25.93
N ALA A 49 7.88 -2.37 -26.33
CA ALA A 49 7.57 -0.95 -26.50
C ALA A 49 7.61 -0.19 -25.17
N LEU A 50 7.23 -0.83 -24.06
CA LEU A 50 7.31 -0.16 -22.74
C LEU A 50 8.76 0.06 -22.41
N VAL A 51 9.61 -0.96 -22.63
CA VAL A 51 11.06 -0.84 -22.41
C VAL A 51 11.66 0.31 -23.22
N ARG A 52 11.27 0.40 -24.49
N ARG A 52 11.29 0.35 -24.49
CA ARG A 52 11.81 1.44 -25.37
CA ARG A 52 11.73 1.42 -25.40
C ARG A 52 11.33 2.86 -25.00
C ARG A 52 11.39 2.80 -24.86
N ALA A 53 10.13 2.98 -24.45
CA ALA A 53 9.67 4.24 -23.86
C ALA A 53 10.46 4.63 -22.63
N ALA A 54 10.78 3.65 -21.79
CA ALA A 54 11.52 3.89 -20.56
C ALA A 54 12.97 4.27 -20.93
N LYS A 55 13.49 3.65 -22.00
CA LYS A 55 14.90 3.87 -22.44
C LYS A 55 15.14 5.27 -22.98
N ARG A 56 14.11 5.84 -23.59
CA ARG A 56 14.17 7.19 -24.11
C ARG A 56 14.26 8.26 -23.02
N VAL A 57 13.87 7.97 -21.78
CA VAL A 57 14.04 8.95 -20.71
C VAL A 57 15.57 9.20 -20.52
N PRO A 58 16.02 10.45 -20.74
CA PRO A 58 17.47 10.74 -20.58
C PRO A 58 18.13 10.26 -19.26
N GLY A 59 19.26 9.58 -19.39
CA GLY A 59 19.98 9.08 -18.21
C GLY A 59 19.18 8.01 -17.46
N SER A 60 18.21 7.38 -18.07
CA SER A 60 17.52 6.33 -17.34
C SER A 60 18.33 5.04 -17.16
N VAL A 61 18.07 4.29 -16.08
CA VAL A 61 18.41 2.89 -16.04
C VAL A 61 17.06 2.17 -15.98
N VAL A 62 16.90 1.08 -16.72
CA VAL A 62 15.57 0.51 -16.82
C VAL A 62 15.60 -0.83 -16.08
N VAL A 63 14.60 -1.02 -15.23
CA VAL A 63 14.41 -2.17 -14.42
C VAL A 63 13.17 -2.85 -14.99
N VAL A 64 13.29 -4.13 -15.32
CA VAL A 64 12.12 -4.84 -15.76
C VAL A 64 11.88 -5.90 -14.70
N SER A 65 10.65 -5.96 -14.20
CA SER A 65 10.39 -7.01 -13.21
C SER A 65 9.61 -8.12 -13.93
N ILE A 66 9.90 -9.36 -13.54
CA ILE A 66 9.25 -10.50 -14.11
C ILE A 66 8.71 -11.30 -12.91
N PHE A 67 7.40 -11.33 -12.73
CA PHE A 67 6.84 -12.09 -11.55
C PHE A 67 5.43 -12.47 -11.84
N VAL A 68 5.13 -13.78 -11.79
CA VAL A 68 3.73 -14.22 -12.04
C VAL A 68 3.10 -14.28 -10.66
N ASN A 69 2.22 -13.32 -10.40
CA ASN A 69 1.80 -13.02 -9.01
C ASN A 69 0.65 -13.88 -8.59
N PRO A 70 0.88 -14.87 -7.68
CA PRO A 70 -0.30 -15.78 -7.34
C PRO A 70 -1.55 -15.06 -6.79
N MET A 71 -1.36 -13.84 -6.28
CA MET A 71 -2.44 -13.15 -5.52
C MET A 71 -3.62 -12.65 -6.34
N GLN A 72 -3.33 -12.31 -7.60
CA GLN A 72 -4.37 -11.83 -8.52
C GLN A 72 -5.04 -12.97 -9.29
N PHE A 73 -4.75 -14.23 -8.96
CA PHE A 73 -5.35 -15.32 -9.74
C PHE A 73 -6.47 -16.04 -8.97
N GLY A 74 -7.50 -16.46 -9.73
CA GLY A 74 -8.62 -17.30 -9.27
C GLY A 74 -8.19 -18.54 -8.50
N ALA A 75 -8.54 -19.77 -8.90
CA ALA A 75 -9.61 -20.21 -9.86
C ALA A 75 -9.34 -21.68 -10.22
N GLY A 76 -8.60 -22.38 -9.35
CA GLY A 76 -8.10 -23.69 -9.73
C GLY A 76 -6.88 -23.58 -10.66
N GLY A 77 -7.11 -23.55 -11.99
CA GLY A 77 -6.01 -23.81 -12.95
C GLY A 77 -5.31 -22.64 -13.64
N ASP A 78 -5.81 -21.43 -13.39
CA ASP A 78 -5.36 -20.18 -14.06
C ASP A 78 -3.88 -19.84 -13.86
N LEU A 79 -3.45 -19.98 -12.61
CA LEU A 79 -2.07 -19.76 -12.18
C LEU A 79 -1.07 -20.72 -12.88
N ASP A 80 -1.37 -22.02 -12.81
CA ASP A 80 -0.52 -23.04 -13.47
C ASP A 80 -0.47 -22.92 -15.00
N ALA A 81 -1.58 -22.47 -15.60
CA ALA A 81 -1.69 -22.25 -17.06
C ALA A 81 -1.02 -20.97 -17.58
N TYR A 82 -0.65 -20.06 -16.67
CA TYR A 82 0.01 -18.85 -17.13
C TYR A 82 1.26 -19.17 -17.97
N PRO A 83 1.41 -18.54 -19.18
CA PRO A 83 2.61 -18.81 -20.04
C PRO A 83 3.91 -18.40 -19.37
N ARG A 84 4.85 -19.32 -19.26
CA ARG A 84 6.13 -18.96 -18.66
C ARG A 84 7.23 -19.27 -19.70
N THR A 85 8.02 -18.28 -20.07
CA THR A 85 9.07 -18.50 -21.08
C THR A 85 10.26 -17.64 -20.70
N PRO A 86 10.89 -17.91 -19.53
CA PRO A 86 11.89 -16.93 -19.02
C PRO A 86 13.21 -16.84 -19.81
N ASP A 87 13.53 -17.88 -20.61
CA ASP A 87 14.77 -17.86 -21.43
C ASP A 87 14.60 -16.91 -22.60
N ASP A 88 13.44 -16.99 -23.27
N ASP A 88 13.47 -17.02 -23.28
CA ASP A 88 13.12 -16.02 -24.30
CA ASP A 88 13.12 -16.05 -24.29
C ASP A 88 12.88 -14.62 -23.71
C ASP A 88 13.05 -14.65 -23.63
N ASP A 89 12.39 -14.56 -22.48
CA ASP A 89 12.24 -13.26 -21.80
C ASP A 89 13.61 -12.58 -21.59
N LEU A 90 14.53 -13.24 -20.93
CA LEU A 90 15.82 -12.58 -20.69
C LEU A 90 16.63 -12.25 -21.96
N ALA A 91 16.52 -13.09 -22.99
CA ALA A 91 17.13 -12.85 -24.31
C ALA A 91 16.67 -11.56 -24.94
N GLN A 92 15.38 -11.28 -24.89
CA GLN A 92 14.89 -10.07 -25.51
C GLN A 92 15.38 -8.83 -24.73
N LEU A 93 15.44 -8.91 -23.40
CA LEU A 93 15.79 -7.72 -22.57
C LEU A 93 17.23 -7.37 -22.80
N ARG A 94 18.05 -8.42 -22.87
CA ARG A 94 19.47 -8.26 -23.21
C ARG A 94 19.60 -7.59 -24.62
N ALA A 95 18.86 -8.12 -25.60
CA ALA A 95 18.80 -7.45 -26.92
C ALA A 95 18.28 -5.96 -26.89
N GLU A 96 17.45 -5.57 -25.92
CA GLU A 96 17.00 -4.18 -25.85
C GLU A 96 17.94 -3.32 -25.02
N GLY A 97 19.06 -3.85 -24.55
CA GLY A 97 19.92 -3.03 -23.67
C GLY A 97 19.41 -2.81 -22.23
N VAL A 98 18.47 -3.64 -21.75
CA VAL A 98 18.00 -3.48 -20.34
C VAL A 98 19.12 -3.75 -19.36
N GLU A 99 19.39 -2.89 -18.40
CA GLU A 99 20.46 -3.22 -17.43
C GLU A 99 20.11 -4.06 -16.18
N ILE A 100 18.82 -4.04 -15.80
CA ILE A 100 18.34 -4.74 -14.59
C ILE A 100 17.06 -5.54 -14.86
N ALA A 101 17.14 -6.84 -14.52
CA ALA A 101 15.94 -7.66 -14.50
C ALA A 101 15.72 -8.09 -13.03
N PHE A 102 14.50 -7.99 -12.54
CA PHE A 102 14.25 -8.32 -11.12
C PHE A 102 13.30 -9.51 -11.20
N THR A 103 13.79 -10.67 -10.81
CA THR A 103 13.00 -11.91 -10.97
C THR A 103 12.81 -12.54 -9.57
N PRO A 104 11.92 -11.95 -8.73
CA PRO A 104 11.82 -12.51 -7.38
C PRO A 104 11.11 -13.87 -7.37
N THR A 105 11.48 -14.66 -6.37
CA THR A 105 10.71 -15.86 -6.01
C THR A 105 9.44 -15.45 -5.25
N THR A 106 8.43 -16.32 -5.26
CA THR A 106 7.21 -16.14 -4.50
C THR A 106 7.48 -16.08 -3.00
N ALA A 107 8.42 -16.89 -2.48
CA ALA A 107 8.72 -16.80 -1.04
C ALA A 107 9.34 -15.48 -0.67
N ALA A 108 10.09 -14.88 -1.58
CA ALA A 108 10.72 -13.57 -1.22
C ALA A 108 9.70 -12.41 -1.31
N MET A 109 8.69 -12.50 -2.17
CA MET A 109 7.63 -11.48 -2.18
C MET A 109 6.58 -11.69 -1.06
N TYR A 110 6.29 -12.96 -0.74
CA TYR A 110 5.26 -13.25 0.21
C TYR A 110 5.74 -14.19 1.33
N PRO A 111 6.72 -13.78 2.11
CA PRO A 111 7.23 -14.70 3.10
C PRO A 111 6.25 -15.00 4.24
N ASP A 112 5.23 -14.14 4.42
CA ASP A 112 4.27 -14.36 5.50
C ASP A 112 2.93 -14.74 4.95
N GLY A 113 2.89 -15.11 3.67
CA GLY A 113 1.64 -15.37 2.98
C GLY A 113 0.90 -14.05 2.74
N LEU A 114 -0.40 -14.16 2.52
CA LEU A 114 -1.25 -13.01 2.28
C LEU A 114 -1.56 -12.44 3.63
N ARG A 115 -1.06 -11.27 3.92
CA ARG A 115 -1.40 -10.62 5.21
C ARG A 115 -1.94 -9.22 4.95
N THR A 116 -1.09 -8.17 5.07
CA THR A 116 -1.60 -6.80 4.80
C THR A 116 -1.80 -6.69 3.26
N THR A 117 -2.95 -6.18 2.78
CA THR A 117 -3.25 -6.11 1.36
C THR A 117 -3.81 -4.74 1.03
N VAL A 118 -3.81 -4.40 -0.25
CA VAL A 118 -4.44 -3.19 -0.74
C VAL A 118 -5.88 -3.55 -1.07
N GLN A 119 -6.82 -2.75 -0.55
CA GLN A 119 -8.19 -2.85 -0.92
C GLN A 119 -8.48 -1.68 -1.94
N PRO A 120 -8.65 -1.99 -3.23
CA PRO A 120 -8.98 -0.95 -4.26
C PRO A 120 -10.34 -0.28 -3.97
N GLY A 121 -10.59 0.87 -4.59
CA GLY A 121 -11.90 1.51 -4.54
C GLY A 121 -12.92 0.66 -5.32
N PRO A 122 -14.16 1.15 -5.42
CA PRO A 122 -15.25 0.38 -6.01
C PRO A 122 -15.08 0.06 -7.51
N LEU A 123 -14.20 0.78 -8.21
CA LEU A 123 -13.89 0.43 -9.60
C LEU A 123 -13.43 -1.03 -9.74
N ALA A 124 -12.83 -1.59 -8.68
CA ALA A 124 -12.28 -2.98 -8.78
C ALA A 124 -13.41 -4.01 -8.79
N ALA A 125 -14.61 -3.59 -8.42
CA ALA A 125 -15.75 -4.56 -8.53
C ALA A 125 -16.53 -4.46 -9.87
N GLU A 126 -16.07 -3.63 -10.78
N GLU A 126 -16.09 -3.55 -10.73
CA GLU A 126 -16.83 -3.47 -12.02
CA GLU A 126 -16.73 -3.28 -12.07
C GLU A 126 -16.06 -4.04 -13.19
C GLU A 126 -16.10 -4.19 -13.13
N LEU A 127 -16.74 -4.29 -14.29
CA LEU A 127 -16.10 -4.87 -15.49
C LEU A 127 -15.34 -6.19 -15.23
N GLU A 128 -14.03 -6.18 -15.37
CA GLU A 128 -13.20 -7.40 -15.17
C GLU A 128 -13.33 -7.89 -13.74
N GLY A 129 -13.53 -6.95 -12.80
CA GLY A 129 -13.59 -7.30 -11.36
C GLY A 129 -14.94 -7.88 -10.93
N GLY A 130 -15.97 -7.73 -11.75
CA GLY A 130 -17.31 -8.25 -11.38
C GLY A 130 -17.33 -9.72 -10.94
N PRO A 131 -16.86 -10.64 -11.80
CA PRO A 131 -16.81 -12.10 -11.50
C PRO A 131 -15.50 -12.53 -10.80
N ARG A 132 -14.59 -11.58 -10.58
N ARG A 132 -14.59 -11.57 -10.60
CA ARG A 132 -13.29 -11.87 -10.00
CA ARG A 132 -13.26 -11.83 -10.06
C ARG A 132 -13.02 -10.87 -8.90
C ARG A 132 -13.03 -10.84 -8.92
N PRO A 133 -13.75 -11.00 -7.78
CA PRO A 133 -13.75 -9.96 -6.74
C PRO A 133 -12.43 -9.61 -6.04
N THR A 134 -11.43 -10.49 -6.06
CA THR A 134 -10.17 -10.17 -5.35
C THR A 134 -9.04 -9.95 -6.34
N HIS A 135 -9.38 -10.04 -7.63
CA HIS A 135 -8.36 -9.94 -8.69
C HIS A 135 -7.58 -8.63 -8.55
N PHE A 136 -8.27 -7.47 -8.56
CA PHE A 136 -7.51 -6.19 -8.52
C PHE A 136 -6.83 -5.87 -7.16
N ALA A 137 -7.35 -6.40 -6.06
CA ALA A 137 -6.63 -6.29 -4.80
C ALA A 137 -5.28 -7.01 -4.94
N GLY A 138 -5.27 -8.19 -5.55
CA GLY A 138 -4.02 -8.90 -5.77
C GLY A 138 -3.05 -8.10 -6.64
N VAL A 139 -3.56 -7.48 -7.72
CA VAL A 139 -2.65 -6.73 -8.65
C VAL A 139 -2.11 -5.45 -7.92
N LEU A 140 -2.98 -4.72 -7.22
CA LEU A 140 -2.57 -3.44 -6.57
C LEU A 140 -1.61 -3.73 -5.45
N THR A 141 -1.75 -4.93 -4.84
CA THR A 141 -0.83 -5.27 -3.74
C THR A 141 0.59 -5.52 -4.28
N VAL A 142 0.69 -6.27 -5.38
CA VAL A 142 1.98 -6.54 -5.94
C VAL A 142 2.60 -5.27 -6.58
N VAL A 143 1.77 -4.42 -7.15
CA VAL A 143 2.31 -3.22 -7.71
C VAL A 143 2.91 -2.31 -6.61
N LEU A 144 2.21 -2.21 -5.48
CA LEU A 144 2.70 -1.37 -4.43
C LEU A 144 4.05 -1.90 -3.96
N LYS A 145 4.16 -3.22 -3.82
CA LYS A 145 5.38 -3.79 -3.28
C LYS A 145 6.50 -3.56 -4.24
N LEU A 146 6.23 -3.78 -5.54
CA LEU A 146 7.24 -3.47 -6.59
C LEU A 146 7.73 -2.02 -6.54
N LEU A 147 6.79 -1.08 -6.42
CA LEU A 147 7.13 0.33 -6.36
C LEU A 147 7.98 0.67 -5.16
N GLN A 148 7.73 -0.03 -4.05
CA GLN A 148 8.50 0.23 -2.84
C GLN A 148 9.86 -0.39 -2.88
N ILE A 149 9.97 -1.57 -3.48
CA ILE A 149 11.26 -2.29 -3.55
C ILE A 149 12.16 -1.50 -4.51
N VAL A 150 11.62 -1.13 -5.66
CA VAL A 150 12.43 -0.55 -6.76
C VAL A 150 12.56 0.98 -6.62
N ARG A 151 11.53 1.64 -6.09
CA ARG A 151 11.46 3.15 -5.96
C ARG A 151 11.86 3.87 -7.23
N PRO A 152 11.16 3.61 -8.35
CA PRO A 152 11.44 4.24 -9.60
C PRO A 152 10.91 5.67 -9.64
N ASP A 153 11.50 6.51 -10.50
CA ASP A 153 10.90 7.79 -10.87
C ASP A 153 9.64 7.67 -11.68
N ARG A 154 9.64 6.75 -12.62
CA ARG A 154 8.50 6.54 -13.46
C ARG A 154 8.23 5.04 -13.63
N VAL A 155 6.97 4.68 -13.84
CA VAL A 155 6.65 3.27 -14.03
C VAL A 155 5.79 3.18 -15.25
N PHE A 156 6.00 2.12 -16.08
CA PHE A 156 5.33 2.12 -17.39
C PHE A 156 4.34 0.94 -17.51
N PHE A 157 3.16 1.20 -18.03
CA PHE A 157 2.16 0.15 -18.28
C PHE A 157 1.54 0.28 -19.66
N GLY A 158 1.07 -0.82 -20.27
CA GLY A 158 0.33 -0.65 -21.52
C GLY A 158 -1.10 -0.17 -21.25
N GLU A 159 -1.80 0.35 -22.25
CA GLU A 159 -3.19 0.76 -22.10
C GLU A 159 -4.17 -0.38 -22.39
N LYS A 160 -3.67 -1.50 -22.83
CA LYS A 160 -4.57 -2.61 -23.20
C LYS A 160 -5.43 -3.04 -21.99
N ASP A 161 -4.78 -3.23 -20.85
CA ASP A 161 -5.53 -3.45 -19.61
C ASP A 161 -5.81 -2.11 -18.95
N TYR A 162 -6.82 -1.42 -19.50
CA TYR A 162 -7.03 -0.05 -19.19
C TYR A 162 -7.60 0.13 -17.75
N GLN A 163 -8.53 -0.73 -17.39
CA GLN A 163 -9.03 -0.77 -16.03
C GLN A 163 -7.92 -0.90 -14.96
N GLN A 164 -7.01 -1.83 -15.19
CA GLN A 164 -5.84 -2.01 -14.39
C GLN A 164 -5.01 -0.72 -14.27
N LEU A 165 -4.76 -0.05 -15.42
CA LEU A 165 -3.97 1.16 -15.44
C LEU A 165 -4.69 2.25 -14.65
N VAL A 166 -6.00 2.36 -14.82
CA VAL A 166 -6.73 3.35 -14.05
C VAL A 166 -6.62 3.06 -12.52
N LEU A 167 -6.75 1.78 -12.14
CA LEU A 167 -6.75 1.48 -10.69
C LEU A 167 -5.37 1.78 -10.14
N ILE A 168 -4.35 1.53 -10.96
CA ILE A 168 -2.98 1.86 -10.58
C ILE A 168 -2.77 3.35 -10.39
N ARG A 169 -3.33 4.15 -11.30
CA ARG A 169 -3.31 5.59 -11.05
C ARG A 169 -3.96 5.99 -9.73
N GLN A 170 -5.06 5.31 -9.38
CA GLN A 170 -5.75 5.61 -8.11
C GLN A 170 -4.87 5.25 -6.93
N LEU A 171 -4.22 4.10 -7.02
CA LEU A 171 -3.27 3.65 -5.99
C LEU A 171 -2.21 4.72 -5.75
N VAL A 172 -1.60 5.19 -6.82
CA VAL A 172 -0.48 6.09 -6.74
C VAL A 172 -0.92 7.38 -6.11
N ALA A 173 -2.07 7.84 -6.53
CA ALA A 173 -2.65 9.13 -6.01
C ALA A 173 -3.06 9.00 -4.54
N ASP A 174 -3.79 7.93 -4.26
CA ASP A 174 -4.41 7.76 -2.93
C ASP A 174 -3.43 7.44 -1.83
N PHE A 175 -2.29 6.80 -2.17
CA PHE A 175 -1.31 6.50 -1.16
C PHE A 175 -0.14 7.47 -1.29
N ASN A 176 -0.31 8.59 -2.01
CA ASN A 176 0.78 9.58 -2.13
C ASN A 176 2.12 9.04 -2.59
N LEU A 177 2.12 8.09 -3.55
CA LEU A 177 3.37 7.52 -4.02
C LEU A 177 4.09 8.52 -4.90
N ASP A 178 5.39 8.60 -4.79
CA ASP A 178 6.02 9.70 -5.48
C ASP A 178 6.55 9.13 -6.82
N VAL A 179 5.67 8.71 -7.72
CA VAL A 179 6.14 8.10 -9.00
C VAL A 179 5.21 8.59 -10.05
N ALA A 180 5.72 8.81 -11.28
CA ALA A 180 4.88 9.20 -12.41
C ALA A 180 4.43 7.92 -13.11
N VAL A 181 3.15 7.78 -13.32
CA VAL A 181 2.66 6.55 -14.02
C VAL A 181 2.55 6.89 -15.53
N VAL A 182 3.22 6.14 -16.39
CA VAL A 182 3.20 6.42 -17.86
C VAL A 182 2.44 5.29 -18.54
N GLY A 183 1.38 5.64 -19.24
CA GLY A 183 0.61 4.66 -20.02
C GLY A 183 1.01 4.68 -21.50
N VAL A 184 1.23 3.52 -22.08
CA VAL A 184 1.83 3.43 -23.41
C VAL A 184 0.74 2.83 -24.30
N PRO A 185 0.45 3.50 -25.43
CA PRO A 185 -0.59 3.01 -26.30
C PRO A 185 -0.34 1.57 -26.78
N THR A 186 -1.41 0.79 -26.82
CA THR A 186 -1.35 -0.62 -27.09
C THR A 186 -0.65 -0.94 -28.42
N VAL A 187 0.35 -1.82 -28.38
CA VAL A 187 0.97 -2.32 -29.63
C VAL A 187 0.01 -3.33 -30.24
N ARG A 188 -0.12 -3.30 -31.58
CA ARG A 188 -1.13 -4.16 -32.25
C ARG A 188 -0.50 -5.01 -33.35
N GLU A 189 -1.07 -6.18 -33.61
CA GLU A 189 -0.65 -6.92 -34.85
C GLU A 189 -1.06 -6.10 -36.11
N ALA A 190 -0.52 -6.45 -37.28
CA ALA A 190 -0.77 -5.59 -38.47
C ALA A 190 -2.26 -5.53 -38.85
N ASP A 191 -3.05 -6.53 -38.47
CA ASP A 191 -4.45 -6.44 -38.71
C ASP A 191 -5.25 -5.67 -37.61
N GLY A 192 -4.58 -5.24 -36.55
CA GLY A 192 -5.25 -4.51 -35.48
C GLY A 192 -5.35 -5.30 -34.17
N LEU A 193 -5.15 -6.60 -34.20
CA LEU A 193 -5.23 -7.41 -32.97
C LEU A 193 -4.33 -6.88 -31.84
N ALA A 194 -4.89 -6.51 -30.66
CA ALA A 194 -4.02 -6.00 -29.60
C ALA A 194 -3.09 -7.13 -29.14
N MET A 195 -1.83 -6.78 -28.89
CA MET A 195 -0.84 -7.70 -28.36
C MET A 195 -1.29 -8.24 -27.01
N SER A 196 -1.11 -9.54 -26.83
CA SER A 196 -1.37 -10.12 -25.54
C SER A 196 -0.68 -11.47 -25.44
N SER A 197 -0.24 -11.80 -24.22
N SER A 197 -0.22 -11.81 -24.23
CA SER A 197 0.39 -13.10 -23.94
CA SER A 197 0.43 -13.12 -23.98
C SER A 197 -0.59 -14.22 -24.30
C SER A 197 -0.60 -14.26 -24.02
N ARG A 198 -1.87 -13.95 -24.19
CA ARG A 198 -2.86 -15.00 -24.39
C ARG A 198 -3.37 -15.19 -25.83
N ASN A 199 -2.88 -14.37 -26.78
CA ASN A 199 -3.06 -14.61 -28.22
C ASN A 199 -2.55 -15.98 -28.68
N ARG A 200 -1.45 -16.46 -28.10
CA ARG A 200 -0.92 -17.80 -28.44
C ARG A 200 -2.02 -18.92 -28.22
N TYR A 201 -3.11 -18.66 -27.50
CA TYR A 201 -4.17 -19.68 -27.28
C TYR A 201 -5.30 -19.75 -28.34
N LEU A 202 -5.27 -18.82 -29.30
CA LEU A 202 -6.16 -18.80 -30.47
C LEU A 202 -5.68 -19.80 -31.55
N ASP A 203 -6.53 -20.73 -31.96
CA ASP A 203 -6.20 -21.53 -33.14
C ASP A 203 -6.38 -20.62 -34.36
N PRO A 204 -5.94 -21.05 -35.59
CA PRO A 204 -6.06 -20.26 -36.82
C PRO A 204 -7.46 -19.68 -37.09
N ALA A 205 -8.51 -20.44 -36.83
CA ALA A 205 -9.87 -19.90 -37.01
C ALA A 205 -10.16 -18.79 -36.00
N GLN A 206 -9.86 -19.05 -34.72
CA GLN A 206 -10.03 -18.04 -33.69
C GLN A 206 -9.15 -16.84 -33.96
N ARG A 207 -7.91 -17.04 -34.42
CA ARG A 207 -7.02 -15.90 -34.70
C ARG A 207 -7.66 -15.02 -35.81
N ALA A 208 -8.26 -15.65 -36.82
CA ALA A 208 -9.04 -14.92 -37.82
C ALA A 208 -10.23 -14.09 -37.27
N ALA A 209 -11.05 -14.70 -36.41
CA ALA A 209 -12.25 -14.05 -35.90
C ALA A 209 -11.83 -12.88 -34.98
N ALA A 210 -10.68 -13.06 -34.30
CA ALA A 210 -10.25 -12.16 -33.21
C ALA A 210 -10.08 -10.73 -33.69
N VAL A 211 -9.87 -10.60 -34.99
CA VAL A 211 -9.72 -9.25 -35.57
C VAL A 211 -11.03 -8.44 -35.28
N ALA A 212 -12.13 -9.14 -35.10
CA ALA A 212 -13.41 -8.43 -34.87
C ALA A 212 -13.35 -7.37 -33.72
N LEU A 213 -12.56 -7.61 -32.66
CA LEU A 213 -12.60 -6.73 -31.53
C LEU A 213 -12.05 -5.37 -31.91
N SER A 214 -10.85 -5.35 -32.47
CA SER A 214 -10.25 -4.06 -32.81
C SER A 214 -11.03 -3.40 -33.99
N ALA A 215 -11.51 -4.19 -34.97
CA ALA A 215 -12.39 -3.65 -36.02
C ALA A 215 -13.67 -2.98 -35.45
N ALA A 216 -14.31 -3.64 -34.48
CA ALA A 216 -15.45 -3.08 -33.75
C ALA A 216 -15.10 -1.76 -33.06
N LEU A 217 -13.97 -1.72 -32.33
CA LEU A 217 -13.63 -0.50 -31.62
C LEU A 217 -13.31 0.66 -32.58
N THR A 218 -12.56 0.40 -33.66
N THR A 218 -12.60 0.37 -33.66
CA THR A 218 -12.24 1.47 -34.60
CA THR A 218 -12.21 1.40 -34.58
C THR A 218 -13.51 1.88 -35.35
C THR A 218 -13.46 1.85 -35.39
N ALA A 219 -14.36 0.93 -35.71
CA ALA A 219 -15.66 1.33 -36.29
C ALA A 219 -16.39 2.33 -35.37
N ALA A 220 -16.49 1.98 -34.07
CA ALA A 220 -17.19 2.79 -33.10
C ALA A 220 -16.52 4.18 -33.02
N ALA A 221 -15.18 4.22 -33.01
CA ALA A 221 -14.50 5.50 -32.79
C ALA A 221 -14.86 6.48 -33.96
N HIS A 222 -15.12 5.93 -35.12
CA HIS A 222 -15.51 6.76 -36.30
C HIS A 222 -17.00 7.04 -36.44
N ALA A 223 -17.79 6.05 -36.07
CA ALA A 223 -19.24 6.20 -35.96
C ALA A 223 -19.63 7.30 -34.92
N ALA A 224 -18.74 7.57 -33.96
CA ALA A 224 -19.05 8.38 -32.76
C ALA A 224 -19.38 9.88 -33.08
N THR A 225 -19.07 10.36 -34.30
CA THR A 225 -19.57 11.69 -34.70
C THR A 225 -21.08 11.71 -34.63
N ALA A 226 -21.72 10.55 -34.80
CA ALA A 226 -23.14 10.45 -34.79
C ALA A 226 -23.74 10.16 -33.36
N GLY A 227 -22.89 10.17 -32.35
CA GLY A 227 -23.31 9.91 -30.93
C GLY A 227 -22.96 8.55 -30.35
N ALA A 228 -23.25 8.39 -29.05
CA ALA A 228 -22.97 7.17 -28.31
C ALA A 228 -23.74 5.98 -28.83
N GLN A 229 -25.04 6.14 -29.10
CA GLN A 229 -25.81 4.98 -29.51
C GLN A 229 -25.25 4.45 -30.83
N ALA A 230 -24.89 5.36 -31.74
CA ALA A 230 -24.44 4.94 -33.06
C ALA A 230 -23.05 4.24 -32.96
N ALA A 231 -22.16 4.79 -32.10
CA ALA A 231 -20.85 4.18 -31.85
C ALA A 231 -21.01 2.75 -31.29
N LEU A 232 -21.83 2.59 -30.24
CA LEU A 232 -22.04 1.23 -29.70
C LEU A 232 -22.69 0.28 -30.67
N ASP A 233 -23.66 0.79 -31.43
CA ASP A 233 -24.39 -0.08 -32.40
C ASP A 233 -23.45 -0.52 -33.52
N ALA A 234 -22.59 0.37 -33.97
CA ALA A 234 -21.54 -0.03 -34.95
C ALA A 234 -20.61 -1.20 -34.42
N ALA A 235 -20.15 -1.07 -33.18
CA ALA A 235 -19.24 -2.06 -32.58
C ALA A 235 -20.01 -3.37 -32.43
N ARG A 236 -21.26 -3.27 -32.01
CA ARG A 236 -22.01 -4.48 -31.76
C ARG A 236 -22.24 -5.23 -33.07
N ALA A 237 -22.48 -4.47 -34.15
CA ALA A 237 -22.75 -5.07 -35.44
C ALA A 237 -21.52 -5.83 -35.91
N VAL A 238 -20.35 -5.24 -35.72
CA VAL A 238 -19.12 -5.91 -36.16
C VAL A 238 -18.88 -7.19 -35.32
N LEU A 239 -19.08 -7.10 -34.01
CA LEU A 239 -18.92 -8.29 -33.14
C LEU A 239 -19.94 -9.40 -33.55
N ASP A 240 -21.19 -9.00 -33.79
CA ASP A 240 -22.22 -9.94 -34.34
C ASP A 240 -21.93 -10.64 -35.66
N ALA A 241 -21.25 -9.97 -36.57
CA ALA A 241 -20.89 -10.53 -37.87
C ALA A 241 -19.75 -11.54 -37.75
N ALA A 242 -19.10 -11.59 -36.58
CA ALA A 242 -17.91 -12.47 -36.34
C ALA A 242 -18.29 -13.80 -35.72
N PRO A 243 -17.82 -14.90 -36.37
CA PRO A 243 -17.94 -16.35 -36.04
C PRO A 243 -17.47 -16.73 -34.65
N GLY A 244 -18.36 -17.20 -33.80
CA GLY A 244 -17.91 -17.68 -32.49
C GLY A 244 -17.08 -16.68 -31.69
N VAL A 245 -17.34 -15.39 -31.87
CA VAL A 245 -17.03 -14.40 -30.85
C VAL A 245 -18.17 -14.30 -29.83
N ALA A 246 -17.89 -14.66 -28.59
CA ALA A 246 -18.96 -14.51 -27.58
C ALA A 246 -18.70 -13.31 -26.68
N VAL A 247 -19.57 -12.29 -26.78
CA VAL A 247 -19.28 -11.04 -26.08
C VAL A 247 -19.65 -11.08 -24.61
N ASP A 248 -18.70 -10.75 -23.74
N ASP A 248 -18.64 -10.81 -23.79
CA ASP A 248 -18.94 -10.69 -22.30
CA ASP A 248 -18.77 -10.69 -22.36
C ASP A 248 -19.46 -9.31 -21.87
C ASP A 248 -19.54 -9.36 -22.15
N TYR A 249 -18.85 -8.24 -22.40
CA TYR A 249 -19.38 -6.90 -22.24
C TYR A 249 -18.86 -6.00 -23.37
N LEU A 250 -19.65 -4.97 -23.68
CA LEU A 250 -19.20 -3.87 -24.50
C LEU A 250 -19.66 -2.57 -23.83
N GLU A 251 -18.73 -1.75 -23.35
CA GLU A 251 -19.15 -0.62 -22.51
C GLU A 251 -18.40 0.63 -22.79
N LEU A 252 -19.17 1.72 -22.77
CA LEU A 252 -18.63 3.02 -23.01
C LEU A 252 -18.67 3.79 -21.70
N ARG A 253 -17.56 4.33 -21.28
CA ARG A 253 -17.51 5.00 -19.98
C ARG A 253 -16.68 6.22 -20.10
N ASP A 254 -16.78 7.09 -19.10
CA ASP A 254 -15.87 8.20 -18.94
C ASP A 254 -14.43 7.66 -18.93
N ILE A 255 -13.40 8.47 -19.24
CA ILE A 255 -12.04 7.93 -19.29
C ILE A 255 -11.41 7.45 -17.99
N GLY A 256 -11.84 8.00 -16.86
CA GLY A 256 -11.40 7.57 -15.55
C GLY A 256 -12.20 6.40 -15.13
N LEU A 257 -13.16 5.97 -15.97
CA LEU A 257 -14.12 4.90 -15.66
C LEU A 257 -14.89 5.16 -14.38
N GLY A 258 -14.89 6.42 -13.88
CA GLY A 258 -15.28 6.67 -12.47
C GLY A 258 -16.80 6.73 -12.32
N PRO A 259 -17.28 7.16 -11.13
CA PRO A 259 -18.70 7.46 -10.87
C PRO A 259 -19.15 8.78 -11.53
N MET A 260 -18.86 8.94 -12.81
CA MET A 260 -19.37 10.12 -13.50
C MET A 260 -19.82 9.77 -14.92
N PRO A 261 -20.80 10.55 -15.45
CA PRO A 261 -21.36 10.20 -16.73
C PRO A 261 -20.33 10.54 -17.80
N LEU A 262 -20.45 9.85 -18.93
CA LEU A 262 -19.71 10.18 -20.10
C LEU A 262 -19.95 11.66 -20.50
N ASN A 263 -18.86 12.39 -20.77
CA ASN A 263 -18.83 13.73 -21.43
C ASN A 263 -18.49 13.69 -23.00
N GLY A 264 -17.48 14.44 -23.44
CA GLY A 264 -17.04 14.38 -24.82
C GLY A 264 -16.05 13.28 -25.12
N SER A 265 -15.27 12.92 -24.10
CA SER A 265 -14.22 11.90 -24.24
C SER A 265 -14.47 10.73 -23.34
N GLY A 266 -14.28 9.54 -23.91
CA GLY A 266 -14.63 8.34 -23.19
C GLY A 266 -13.65 7.23 -23.53
N ARG A 267 -13.99 6.03 -23.07
CA ARG A 267 -13.17 4.89 -23.39
C ARG A 267 -14.14 3.78 -23.68
N LEU A 268 -13.97 3.12 -24.82
CA LEU A 268 -14.92 2.07 -25.14
C LEU A 268 -14.16 0.77 -24.83
N LEU A 269 -14.77 -0.14 -24.06
CA LEU A 269 -14.06 -1.32 -23.62
C LEU A 269 -14.82 -2.48 -24.07
N VAL A 270 -14.10 -3.47 -24.52
CA VAL A 270 -14.77 -4.75 -24.92
C VAL A 270 -14.03 -5.98 -24.35
N ALA A 271 -14.77 -7.06 -24.03
CA ALA A 271 -14.22 -8.32 -23.56
C ALA A 271 -15.03 -9.38 -24.24
N ALA A 272 -14.36 -10.36 -24.83
CA ALA A 272 -15.06 -11.36 -25.60
C ALA A 272 -14.32 -12.67 -25.50
N ARG A 273 -15.03 -13.78 -25.75
CA ARG A 273 -14.41 -15.12 -25.60
C ARG A 273 -14.45 -15.75 -26.92
N LEU A 274 -13.28 -16.26 -27.34
CA LEU A 274 -13.14 -17.07 -28.53
C LEU A 274 -12.78 -18.48 -28.07
N GLY A 275 -13.72 -19.44 -28.17
CA GLY A 275 -13.49 -20.77 -27.51
C GLY A 275 -13.23 -20.62 -26.01
N THR A 276 -12.04 -21.00 -25.53
CA THR A 276 -11.74 -20.83 -24.09
C THR A 276 -10.97 -19.55 -23.76
N THR A 277 -10.60 -18.81 -24.79
CA THR A 277 -9.74 -17.65 -24.61
C THR A 277 -10.52 -16.35 -24.50
N ARG A 278 -10.23 -15.60 -23.46
CA ARG A 278 -10.96 -14.35 -23.24
C ARG A 278 -10.05 -13.20 -23.68
N LEU A 279 -10.54 -12.39 -24.59
CA LEU A 279 -9.73 -11.29 -25.15
C LEU A 279 -10.37 -9.99 -24.70
N LEU A 280 -9.53 -8.98 -24.46
CA LEU A 280 -9.99 -7.64 -24.01
C LEU A 280 -9.41 -6.65 -25.02
N ASP A 281 -10.06 -5.54 -25.22
CA ASP A 281 -9.46 -4.42 -25.96
C ASP A 281 -10.19 -3.13 -25.61
N ASN A 282 -9.61 -2.00 -25.97
CA ASN A 282 -10.28 -0.73 -25.65
C ASN A 282 -9.70 0.39 -26.51
N ILE A 283 -10.44 1.49 -26.63
CA ILE A 283 -9.96 2.57 -27.45
C ILE A 283 -10.51 3.83 -26.87
N ALA A 284 -9.80 4.93 -27.09
CA ALA A 284 -10.33 6.29 -26.86
C ALA A 284 -11.45 6.62 -27.84
N ILE A 285 -12.49 7.26 -27.34
CA ILE A 285 -13.67 7.67 -28.12
C ILE A 285 -13.93 9.16 -27.86
N GLU A 286 -14.13 9.95 -28.90
CA GLU A 286 -14.65 11.31 -28.70
C GLU A 286 -16.03 11.31 -29.26
N ILE A 287 -16.98 11.79 -28.49
CA ILE A 287 -18.37 11.73 -28.85
C ILE A 287 -18.84 13.04 -29.55
N GLY A 288 -19.58 12.90 -30.66
CA GLY A 288 -20.15 14.05 -31.36
C GLY A 288 -19.10 15.06 -31.87
N THR A 289 -19.38 16.34 -31.62
CA THR A 289 -18.47 17.46 -31.93
C THR A 289 -17.00 17.32 -31.48
N PHE A 290 -16.78 16.50 -30.43
CA PHE A 290 -15.48 15.88 -30.04
C PHE A 290 -14.92 16.17 -28.61
N MET B 1 9.06 24.39 -9.07
CA MET B 1 10.55 24.32 -8.87
C MET B 1 10.96 24.53 -7.42
N ALA B 2 10.67 25.74 -6.91
CA ALA B 2 11.14 26.23 -5.59
C ALA B 2 10.70 25.36 -4.38
N ILE B 3 11.65 24.99 -3.51
CA ILE B 3 11.32 24.36 -2.23
C ILE B 3 10.64 25.42 -1.34
N PRO B 4 9.56 25.02 -0.61
CA PRO B 4 8.98 25.96 0.35
C PRO B 4 10.03 26.46 1.33
N ALA B 5 9.84 27.66 1.88
CA ALA B 5 10.74 28.18 2.94
C ALA B 5 10.86 27.15 4.09
N PHE B 6 12.10 26.89 4.50
CA PHE B 6 12.38 26.16 5.74
C PHE B 6 13.47 26.92 6.45
N HIS B 7 13.26 27.16 7.75
CA HIS B 7 14.21 27.90 8.57
C HIS B 7 14.71 26.93 9.63
N PRO B 8 15.96 26.53 9.50
CA PRO B 8 16.57 25.55 10.35
C PRO B 8 16.63 26.10 11.75
N GLY B 9 16.51 25.22 12.74
CA GLY B 9 16.42 25.63 14.14
C GLY B 9 15.13 26.32 14.59
N GLU B 10 14.13 26.48 13.73
CA GLU B 10 12.83 26.98 14.19
C GLU B 10 11.69 26.04 13.89
N LEU B 11 10.52 26.35 14.41
CA LEU B 11 9.36 25.54 14.14
C LEU B 11 8.71 25.97 12.82
N ASN B 12 8.75 25.09 11.83
CA ASN B 12 8.19 25.37 10.52
C ASN B 12 6.89 24.55 10.37
N VAL B 13 5.77 25.22 10.07
CA VAL B 13 4.47 24.58 10.03
C VAL B 13 4.02 24.56 8.58
N TYR B 14 3.62 23.37 8.10
CA TYR B 14 3.07 23.20 6.74
C TYR B 14 1.79 22.41 6.81
N SER B 15 0.82 22.86 6.04
CA SER B 15 -0.44 22.17 5.97
C SER B 15 -0.55 21.41 4.69
N ALA B 16 0.26 21.77 3.68
CA ALA B 16 0.13 21.11 2.36
C ALA B 16 1.05 19.85 2.27
N PRO B 17 0.47 18.67 1.93
CA PRO B 17 1.29 17.46 1.83
C PRO B 17 2.47 17.63 0.89
N GLY B 18 2.28 18.34 -0.23
CA GLY B 18 3.38 18.52 -1.19
C GLY B 18 4.48 19.38 -0.65
N ASP B 19 4.12 20.34 0.19
CA ASP B 19 5.10 21.20 0.80
C ASP B 19 5.99 20.42 1.74
N VAL B 20 5.35 19.67 2.64
CA VAL B 20 6.18 18.91 3.59
C VAL B 20 7.04 17.81 2.88
N ALA B 21 6.48 17.22 1.81
CA ALA B 21 7.19 16.27 0.95
C ALA B 21 8.46 16.89 0.32
N ASP B 22 8.32 18.11 -0.21
CA ASP B 22 9.43 18.84 -0.85
C ASP B 22 10.50 19.16 0.16
N VAL B 23 10.09 19.65 1.33
CA VAL B 23 11.05 20.12 2.34
C VAL B 23 11.82 18.92 2.96
N SER B 24 11.08 17.87 3.31
CA SER B 24 11.66 16.62 3.73
C SER B 24 12.69 16.09 2.74
N ARG B 25 12.34 16.01 1.45
CA ARG B 25 13.32 15.66 0.39
C ARG B 25 14.53 16.61 0.36
N ALA B 26 14.32 17.93 0.36
CA ALA B 26 15.49 18.85 0.44
C ALA B 26 16.37 18.52 1.67
N LEU B 27 15.74 18.28 2.82
CA LEU B 27 16.47 17.98 4.05
C LEU B 27 17.35 16.72 3.96
N ARG B 28 16.75 15.64 3.49
CA ARG B 28 17.41 14.33 3.30
C ARG B 28 18.65 14.52 2.37
N LEU B 29 18.47 15.31 1.33
CA LEU B 29 19.55 15.59 0.38
C LEU B 29 20.68 16.45 0.91
N THR B 30 20.46 17.17 2.00
CA THR B 30 21.54 17.94 2.58
C THR B 30 22.07 17.18 3.75
N GLY B 31 21.63 15.94 3.96
CA GLY B 31 22.24 15.21 5.05
C GLY B 31 21.42 14.82 6.26
N ARG B 32 20.38 15.58 6.64
CA ARG B 32 19.68 15.34 7.93
C ARG B 32 18.95 14.00 7.89
N ARG B 33 18.76 13.36 9.03
CA ARG B 33 17.97 12.13 9.06
C ARG B 33 16.54 12.53 9.49
N VAL B 34 15.52 12.14 8.74
CA VAL B 34 14.17 12.65 8.98
C VAL B 34 13.45 11.68 9.96
N MET B 35 12.99 12.19 11.10
CA MET B 35 12.27 11.35 12.06
C MET B 35 10.82 11.78 12.04
N LEU B 36 9.87 10.82 12.04
CA LEU B 36 8.46 11.17 12.01
C LEU B 36 7.76 10.77 13.31
N VAL B 37 7.02 11.67 13.90
CA VAL B 37 6.26 11.37 15.13
C VAL B 37 4.79 11.66 14.82
N PRO B 38 4.03 10.64 14.45
CA PRO B 38 2.62 10.98 14.19
C PRO B 38 1.83 11.17 15.49
N THR B 39 0.93 12.15 15.47
CA THR B 39 0.02 12.41 16.58
C THR B 39 -1.40 12.68 16.11
N MET B 40 -2.33 12.50 17.04
CA MET B 40 -3.67 12.95 16.76
C MET B 40 -4.34 13.39 18.04
N GLY B 41 -5.20 14.37 17.91
CA GLY B 41 -5.82 15.02 19.04
C GLY B 41 -4.85 15.96 19.72
N ALA B 42 -5.26 16.44 20.90
CA ALA B 42 -4.45 17.30 21.75
C ALA B 42 -3.20 16.55 22.16
N LEU B 43 -2.05 17.23 22.16
CA LEU B 43 -0.77 16.65 22.59
C LEU B 43 -0.71 16.29 24.05
N HIS B 44 -0.20 15.10 24.35
CA HIS B 44 -0.01 14.68 25.70
C HIS B 44 1.42 14.28 25.91
N GLU B 45 1.78 13.93 27.13
CA GLU B 45 3.14 13.59 27.47
C GLU B 45 3.69 12.31 26.83
N GLY B 46 2.82 11.42 26.37
CA GLY B 46 3.27 10.25 25.62
C GLY B 46 3.86 10.72 24.28
N HIS B 47 3.14 11.62 23.62
CA HIS B 47 3.63 12.19 22.34
C HIS B 47 4.94 12.91 22.61
N LEU B 48 5.08 13.55 23.79
CA LEU B 48 6.36 14.27 24.03
C LEU B 48 7.56 13.37 24.26
N ALA B 49 7.36 12.23 24.93
CA ALA B 49 8.41 11.25 25.00
C ALA B 49 8.78 10.68 23.60
N LEU B 50 7.83 10.58 22.66
CA LEU B 50 8.15 10.18 21.24
C LEU B 50 9.09 11.21 20.61
N VAL B 51 8.73 12.48 20.76
CA VAL B 51 9.58 13.58 20.28
C VAL B 51 10.98 13.52 20.83
N ARG B 52 11.11 13.27 22.14
CA ARG B 52 12.44 13.30 22.78
C ARG B 52 13.29 12.16 22.30
N ALA B 53 12.70 10.98 22.17
CA ALA B 53 13.37 9.84 21.57
C ALA B 53 13.85 10.19 20.16
N ALA B 54 13.00 10.83 19.35
CA ALA B 54 13.33 11.13 17.95
C ALA B 54 14.48 12.15 17.94
N LYS B 55 14.39 13.12 18.85
CA LYS B 55 15.38 14.21 18.87
C LYS B 55 16.77 13.75 19.23
N ARG B 56 16.88 12.63 19.92
CA ARG B 56 18.21 12.20 20.25
C ARG B 56 18.99 11.49 19.13
N VAL B 57 18.35 11.15 18.01
CA VAL B 57 19.12 10.57 16.91
C VAL B 57 20.03 11.68 16.29
N PRO B 58 21.36 11.49 16.25
CA PRO B 58 22.26 12.59 15.76
C PRO B 58 21.92 12.97 14.29
N GLY B 59 21.92 14.25 14.06
CA GLY B 59 21.63 14.85 12.75
C GLY B 59 20.17 14.76 12.36
N SER B 60 19.29 14.48 13.31
CA SER B 60 17.84 14.31 12.99
C SER B 60 17.19 15.65 12.77
N VAL B 61 16.15 15.66 11.93
CA VAL B 61 15.17 16.71 11.96
C VAL B 61 13.85 15.98 12.30
N VAL B 62 13.08 16.59 13.20
CA VAL B 62 11.92 15.90 13.69
C VAL B 62 10.67 16.47 13.02
N VAL B 63 9.85 15.59 12.45
CA VAL B 63 8.61 15.96 11.88
C VAL B 63 7.48 15.42 12.79
N VAL B 64 6.62 16.33 13.24
CA VAL B 64 5.42 15.94 13.96
C VAL B 64 4.20 16.21 13.12
N SER B 65 3.44 15.19 12.78
CA SER B 65 2.21 15.37 12.07
C SER B 65 1.07 15.45 13.11
N ILE B 66 0.06 16.24 12.80
CA ILE B 66 -0.98 16.56 13.78
C ILE B 66 -2.30 16.49 13.06
N PHE B 67 -3.16 15.60 13.52
CA PHE B 67 -4.56 15.57 13.10
C PHE B 67 -5.42 16.16 14.25
N VAL B 68 -5.90 17.38 13.97
CA VAL B 68 -6.59 18.35 14.91
C VAL B 68 -6.05 18.52 16.35
N THR B 85 -5.76 24.18 22.99
CA THR B 85 -5.42 25.12 21.91
C THR B 85 -4.30 24.56 21.02
N PRO B 86 -4.60 24.33 19.72
CA PRO B 86 -3.61 24.14 18.65
C PRO B 86 -2.33 24.97 18.72
N ASP B 87 -2.42 26.28 19.04
CA ASP B 87 -1.21 27.13 19.18
C ASP B 87 -0.44 26.86 20.47
N ASP B 88 -1.14 26.31 21.47
CA ASP B 88 -0.44 25.88 22.68
C ASP B 88 0.42 24.64 22.40
N ASP B 89 -0.16 23.68 21.67
CA ASP B 89 0.56 22.47 21.28
C ASP B 89 1.77 22.80 20.41
N LEU B 90 1.58 23.69 19.42
CA LEU B 90 2.68 24.18 18.59
C LEU B 90 3.77 24.83 19.44
N ALA B 91 3.39 25.56 20.50
CA ALA B 91 4.40 26.17 21.38
C ALA B 91 5.15 25.13 22.21
N GLN B 92 4.48 24.01 22.53
CA GLN B 92 5.16 22.89 23.19
C GLN B 92 6.19 22.29 22.24
N LEU B 93 5.77 22.06 20.98
CA LEU B 93 6.69 21.43 20.01
C LEU B 93 7.91 22.36 19.80
N ARG B 94 7.66 23.68 19.71
CA ARG B 94 8.74 24.68 19.55
C ARG B 94 9.69 24.53 20.75
N ALA B 95 9.11 24.49 21.96
CA ALA B 95 9.90 24.26 23.19
C ALA B 95 10.69 22.92 23.23
N GLU B 96 10.25 21.92 22.47
CA GLU B 96 10.98 20.66 22.37
C GLU B 96 12.00 20.68 21.26
N GLY B 97 12.08 21.75 20.52
CA GLY B 97 13.06 21.80 19.45
C GLY B 97 12.66 21.07 18.19
N VAL B 98 11.37 20.88 17.97
CA VAL B 98 10.88 20.20 16.77
C VAL B 98 10.97 21.20 15.62
N GLU B 99 11.47 20.80 14.45
CA GLU B 99 11.59 21.80 13.41
C GLU B 99 10.50 21.83 12.36
N ILE B 100 9.73 20.76 12.29
CA ILE B 100 8.64 20.71 11.35
C ILE B 100 7.36 20.21 12.04
N ALA B 101 6.27 20.96 11.88
CA ALA B 101 4.90 20.46 12.13
C ALA B 101 4.06 20.37 10.87
N PHE B 102 3.45 19.19 10.64
CA PHE B 102 2.66 18.94 9.43
C PHE B 102 1.22 18.89 9.95
N THR B 103 0.37 19.81 9.48
CA THR B 103 -0.98 20.02 10.03
C THR B 103 -1.97 20.04 8.89
N PRO B 104 -2.19 18.89 8.23
CA PRO B 104 -3.02 18.92 7.03
C PRO B 104 -4.51 18.91 7.37
N THR B 105 -5.36 19.40 6.46
CA THR B 105 -6.83 19.24 6.63
C THR B 105 -7.24 17.84 6.19
N THR B 106 -8.45 17.41 6.56
CA THR B 106 -8.95 16.16 5.98
C THR B 106 -9.04 16.25 4.45
N ALA B 107 -9.45 17.39 3.91
CA ALA B 107 -9.56 17.49 2.46
C ALA B 107 -8.19 17.28 1.77
N ALA B 108 -7.14 17.80 2.40
CA ALA B 108 -5.83 17.69 1.77
C ALA B 108 -5.36 16.23 1.83
N MET B 109 -5.70 15.54 2.89
CA MET B 109 -5.27 14.14 3.07
C MET B 109 -6.09 13.21 2.18
N TYR B 110 -7.36 13.57 1.96
CA TYR B 110 -8.30 12.77 1.18
C TYR B 110 -8.96 13.61 0.01
N PRO B 111 -8.15 14.14 -0.90
CA PRO B 111 -8.74 14.95 -1.95
C PRO B 111 -9.68 14.24 -2.87
N ASP B 112 -9.63 12.91 -2.95
CA ASP B 112 -10.57 12.16 -3.78
C ASP B 112 -11.53 11.32 -2.90
N GLY B 113 -11.62 11.69 -1.63
CA GLY B 113 -12.42 10.96 -0.68
C GLY B 113 -11.79 9.61 -0.37
N LEU B 114 -12.56 8.76 0.27
CA LEU B 114 -12.11 7.39 0.57
C LEU B 114 -12.14 6.53 -0.70
N ARG B 115 -11.00 5.98 -1.08
CA ARG B 115 -10.98 5.21 -2.32
C ARG B 115 -10.12 3.94 -2.16
N THR B 116 -8.81 4.00 -2.49
CA THR B 116 -7.93 2.85 -2.28
C THR B 116 -7.56 2.88 -0.78
N THR B 117 -7.62 1.73 -0.12
CA THR B 117 -7.30 1.72 1.31
C THR B 117 -6.43 0.53 1.64
N VAL B 118 -5.86 0.53 2.87
CA VAL B 118 -5.15 -0.65 3.37
C VAL B 118 -6.13 -1.61 4.09
N GLN B 119 -6.04 -2.91 3.77
CA GLN B 119 -6.78 -3.92 4.49
C GLN B 119 -5.76 -4.64 5.38
N PRO B 120 -5.84 -4.45 6.71
CA PRO B 120 -4.93 -5.16 7.65
C PRO B 120 -5.09 -6.66 7.51
N GLY B 121 -4.10 -7.42 7.95
CA GLY B 121 -4.26 -8.90 8.01
C GLY B 121 -5.17 -9.28 9.17
N PRO B 122 -5.36 -10.59 9.41
CA PRO B 122 -6.33 -11.18 10.40
C PRO B 122 -6.12 -10.70 11.84
N LEU B 123 -4.90 -10.26 12.22
CA LEU B 123 -4.69 -9.66 13.55
C LEU B 123 -5.67 -8.52 13.81
N ALA B 124 -6.03 -7.78 12.78
CA ALA B 124 -6.89 -6.63 13.03
C ALA B 124 -8.28 -7.02 13.50
N ALA B 125 -8.66 -8.28 13.31
CA ALA B 125 -9.97 -8.78 13.74
C ALA B 125 -9.96 -9.30 15.20
N GLU B 126 -8.82 -9.35 15.85
N GLU B 126 -8.77 -9.36 15.80
CA GLU B 126 -8.79 -9.84 17.23
CA GLU B 126 -8.49 -9.80 17.20
C GLU B 126 -8.63 -8.69 18.20
C GLU B 126 -8.72 -8.66 18.19
N LEU B 127 -8.85 -9.00 19.47
CA LEU B 127 -8.59 -8.04 20.53
C LEU B 127 -9.43 -6.79 20.35
N GLU B 128 -8.83 -5.60 20.11
CA GLU B 128 -9.59 -4.34 19.90
C GLU B 128 -10.40 -4.36 18.63
N GLY B 129 -9.94 -5.13 17.66
CA GLY B 129 -10.63 -5.30 16.39
C GLY B 129 -11.98 -5.96 16.50
N GLY B 130 -12.24 -6.57 17.67
CA GLY B 130 -13.59 -7.09 17.99
C GLY B 130 -14.68 -6.00 18.17
N PRO B 131 -14.49 -5.07 19.12
CA PRO B 131 -15.47 -3.95 19.16
C PRO B 131 -15.38 -2.93 17.99
N ARG B 132 -14.18 -2.67 17.43
CA ARG B 132 -14.06 -1.66 16.37
C ARG B 132 -13.39 -2.27 15.14
N PRO B 133 -14.18 -2.89 14.24
CA PRO B 133 -13.66 -3.80 13.22
C PRO B 133 -12.98 -3.18 11.98
N THR B 134 -13.16 -1.88 11.79
CA THR B 134 -12.51 -1.20 10.68
C THR B 134 -11.54 -0.11 11.16
N HIS B 135 -11.37 -0.02 12.49
CA HIS B 135 -10.54 1.04 13.11
C HIS B 135 -9.08 0.91 12.60
N PHE B 136 -8.56 -0.32 12.54
CA PHE B 136 -7.17 -0.50 12.14
C PHE B 136 -6.97 -0.26 10.63
N ALA B 137 -8.00 -0.52 9.80
CA ALA B 137 -7.89 -0.15 8.36
C ALA B 137 -7.61 1.32 8.23
N GLY B 138 -8.36 2.14 8.97
CA GLY B 138 -8.18 3.63 8.93
C GLY B 138 -6.76 4.03 9.36
N VAL B 139 -6.31 3.46 10.45
CA VAL B 139 -5.03 3.80 11.06
C VAL B 139 -3.93 3.40 10.04
N LEU B 140 -3.96 2.18 9.50
CA LEU B 140 -2.88 1.73 8.55
C LEU B 140 -2.89 2.50 7.27
N THR B 141 -4.07 2.91 6.80
CA THR B 141 -4.18 3.70 5.57
C THR B 141 -3.60 5.13 5.79
N VAL B 142 -3.93 5.76 6.90
CA VAL B 142 -3.33 7.06 7.17
C VAL B 142 -1.84 7.03 7.50
N VAL B 143 -1.35 6.02 8.21
CA VAL B 143 0.12 5.88 8.49
C VAL B 143 0.86 5.63 7.18
N LEU B 144 0.32 4.74 6.34
CA LEU B 144 0.93 4.51 5.02
C LEU B 144 1.06 5.85 4.26
N LYS B 145 0.00 6.63 4.25
CA LYS B 145 0.03 7.92 3.59
C LYS B 145 1.10 8.85 4.19
N LEU B 146 1.12 8.94 5.50
CA LEU B 146 2.04 9.86 6.18
C LEU B 146 3.47 9.46 5.85
N LEU B 147 3.70 8.13 5.80
CA LEU B 147 5.03 7.56 5.47
C LEU B 147 5.47 7.91 4.04
N GLN B 148 4.52 7.89 3.13
CA GLN B 148 4.90 8.21 1.75
C GLN B 148 5.11 9.68 1.55
N ILE B 149 4.38 10.53 2.28
CA ILE B 149 4.50 11.98 2.15
C ILE B 149 5.83 12.44 2.77
N VAL B 150 6.09 11.98 3.98
CA VAL B 150 7.27 12.44 4.73
C VAL B 150 8.54 11.64 4.38
N ARG B 151 8.41 10.37 3.98
CA ARG B 151 9.56 9.46 3.79
C ARG B 151 10.66 9.62 4.88
N PRO B 152 10.32 9.31 6.16
CA PRO B 152 11.28 9.41 7.26
C PRO B 152 12.23 8.24 7.25
N ASP B 153 13.38 8.42 7.83
CA ASP B 153 14.22 7.30 8.20
C ASP B 153 13.64 6.40 9.32
N ARG B 154 13.04 7.02 10.33
CA ARG B 154 12.47 6.30 11.44
C ARG B 154 11.14 6.94 11.77
N VAL B 155 10.19 6.08 12.15
CA VAL B 155 8.90 6.52 12.57
C VAL B 155 8.59 6.02 14.02
N PHE B 156 7.99 6.87 14.86
CA PHE B 156 8.01 6.60 16.32
C PHE B 156 6.53 6.41 16.80
N PHE B 157 6.23 5.30 17.48
CA PHE B 157 4.90 5.05 18.07
C PHE B 157 5.07 4.62 19.53
N GLY B 158 4.06 4.89 20.39
CA GLY B 158 4.10 4.38 21.73
C GLY B 158 3.85 2.89 21.75
N GLU B 159 4.35 2.24 22.81
CA GLU B 159 3.99 0.85 23.03
C GLU B 159 2.60 0.67 23.61
N LYS B 160 1.99 1.76 23.98
CA LYS B 160 0.72 1.77 24.61
C LYS B 160 -0.33 1.07 23.80
N ASP B 161 -0.49 1.50 22.57
CA ASP B 161 -1.44 0.80 21.68
C ASP B 161 -0.61 -0.28 20.95
N TYR B 162 -0.36 -1.35 21.67
CA TYR B 162 0.54 -2.38 21.21
C TYR B 162 0.01 -3.10 19.95
N GLN B 163 -1.29 -3.32 19.88
CA GLN B 163 -1.88 -3.96 18.71
C GLN B 163 -1.69 -3.08 17.46
N GLN B 164 -1.89 -1.76 17.59
CA GLN B 164 -1.55 -0.84 16.54
C GLN B 164 -0.08 -0.89 16.14
N LEU B 165 0.82 -0.86 17.11
CA LEU B 165 2.23 -0.96 16.78
C LEU B 165 2.58 -2.24 15.98
N VAL B 166 2.10 -3.38 16.44
CA VAL B 166 2.33 -4.65 15.71
C VAL B 166 1.75 -4.59 14.25
N LEU B 167 0.57 -4.02 14.11
CA LEU B 167 -0.03 -3.93 12.78
C LEU B 167 0.82 -3.05 11.86
N ILE B 168 1.34 -1.93 12.37
CA ILE B 168 2.21 -1.08 11.59
C ILE B 168 3.54 -1.77 11.21
N ARG B 169 4.15 -2.51 12.12
CA ARG B 169 5.31 -3.34 11.71
C ARG B 169 4.89 -4.34 10.58
N GLN B 170 3.66 -4.90 10.63
CA GLN B 170 3.31 -5.84 9.56
C GLN B 170 3.14 -5.06 8.21
N LEU B 171 2.49 -3.93 8.28
CA LEU B 171 2.35 -3.02 7.15
C LEU B 171 3.69 -2.77 6.48
N VAL B 172 4.66 -2.26 7.27
CA VAL B 172 6.01 -1.97 6.81
C VAL B 172 6.69 -3.20 6.20
N ALA B 173 6.63 -4.33 6.90
CA ALA B 173 7.17 -5.59 6.29
C ALA B 173 6.44 -6.01 4.98
N ASP B 174 5.11 -6.06 5.01
CA ASP B 174 4.37 -6.63 3.91
C ASP B 174 4.43 -5.72 2.69
N PHE B 175 4.61 -4.41 2.89
CA PHE B 175 4.59 -3.50 1.73
C PHE B 175 6.02 -3.05 1.41
N ASN B 176 7.02 -3.70 2.03
CA ASN B 176 8.45 -3.51 1.77
C ASN B 176 8.82 -2.03 1.97
N LEU B 177 8.20 -1.38 2.97
CA LEU B 177 8.53 0.05 3.22
C LEU B 177 9.92 0.21 3.76
N ASP B 178 10.66 1.28 3.42
N ASP B 178 10.59 1.27 3.31
CA ASP B 178 12.09 1.42 3.91
CA ASP B 178 11.93 1.57 3.79
C ASP B 178 12.41 1.85 5.37
C ASP B 178 11.93 2.61 4.94
N VAL B 179 11.39 2.20 6.09
CA VAL B 179 11.46 2.96 7.35
C VAL B 179 11.67 1.99 8.51
N ALA B 180 12.48 2.40 9.51
CA ALA B 180 12.53 1.73 10.84
C ALA B 180 11.33 2.15 11.78
N VAL B 181 10.58 1.18 12.32
CA VAL B 181 9.47 1.44 13.20
C VAL B 181 10.09 1.40 14.59
N VAL B 182 10.01 2.49 15.34
CA VAL B 182 10.56 2.53 16.69
C VAL B 182 9.36 2.54 17.70
N GLY B 183 9.27 1.50 18.52
CA GLY B 183 8.29 1.54 19.57
C GLY B 183 8.93 2.04 20.88
N VAL B 184 8.29 3.01 21.52
CA VAL B 184 8.82 3.69 22.70
C VAL B 184 8.00 3.21 23.91
N PRO B 185 8.71 2.80 24.98
CA PRO B 185 8.02 2.34 26.19
C PRO B 185 7.03 3.40 26.70
N THR B 186 5.86 2.91 27.09
CA THR B 186 4.69 3.68 27.52
C THR B 186 5.01 4.60 28.72
N VAL B 187 4.74 5.90 28.59
CA VAL B 187 4.86 6.86 29.68
C VAL B 187 3.63 6.55 30.63
N ARG B 188 3.88 6.59 31.93
CA ARG B 188 2.90 6.20 32.92
C ARG B 188 2.79 7.30 34.00
N GLU B 189 1.60 7.45 34.60
CA GLU B 189 1.50 8.30 35.80
C GLU B 189 2.31 7.70 36.94
N ALA B 190 2.54 8.44 38.04
CA ALA B 190 3.37 7.90 39.14
C ALA B 190 2.80 6.59 39.73
N ASP B 191 1.48 6.38 39.70
CA ASP B 191 0.97 5.08 40.21
C ASP B 191 0.98 3.94 39.18
N GLY B 192 1.42 4.24 37.95
CA GLY B 192 1.54 3.19 36.89
C GLY B 192 0.49 3.32 35.74
N LEU B 193 -0.56 4.13 35.94
CA LEU B 193 -1.63 4.29 34.94
C LEU B 193 -1.03 4.76 33.60
N ALA B 194 -1.23 3.93 32.57
CA ALA B 194 -0.72 4.24 31.28
C ALA B 194 -1.35 5.55 30.75
N MET B 195 -0.49 6.35 30.14
CA MET B 195 -0.88 7.63 29.61
C MET B 195 -1.91 7.45 28.48
N SER B 196 -2.98 8.23 28.51
CA SER B 196 -4.03 8.21 27.47
C SER B 196 -4.94 9.45 27.58
N SER B 197 -5.49 9.90 26.44
CA SER B 197 -6.29 11.14 26.43
C SER B 197 -7.55 10.90 27.28
N ARG B 198 -7.92 9.63 27.40
CA ARG B 198 -9.12 9.24 28.13
C ARG B 198 -9.03 9.38 29.65
N ASN B 199 -7.81 9.42 30.17
CA ASN B 199 -7.61 9.49 31.60
C ASN B 199 -8.27 10.78 32.16
N ARG B 200 -8.27 11.83 31.36
CA ARG B 200 -8.90 13.07 31.85
C ARG B 200 -10.40 12.93 32.22
N TYR B 201 -11.10 11.97 31.64
CA TYR B 201 -12.52 11.85 31.95
C TYR B 201 -12.91 11.00 33.16
N LEU B 202 -11.94 10.31 33.77
CA LEU B 202 -12.20 9.41 34.92
C LEU B 202 -12.55 10.24 36.17
N ASP B 203 -13.65 9.90 36.83
CA ASP B 203 -13.97 10.53 38.11
C ASP B 203 -13.04 9.92 39.19
N PRO B 204 -13.05 10.45 40.43
CA PRO B 204 -12.07 9.94 41.39
C PRO B 204 -12.13 8.45 41.67
N ALA B 205 -13.32 7.89 41.73
CA ALA B 205 -13.49 6.46 41.99
C ALA B 205 -12.97 5.67 40.79
N GLN B 206 -13.24 6.10 39.54
CA GLN B 206 -12.71 5.42 38.34
C GLN B 206 -11.19 5.54 38.22
N ARG B 207 -10.66 6.69 38.61
CA ARG B 207 -9.23 6.93 38.47
C ARG B 207 -8.55 6.02 39.43
N ALA B 208 -9.16 5.83 40.61
CA ALA B 208 -8.52 4.98 41.64
C ALA B 208 -8.57 3.51 41.21
N ALA B 209 -9.69 3.09 40.63
CA ALA B 209 -9.80 1.70 40.25
C ALA B 209 -8.88 1.37 39.05
N ALA B 210 -8.64 2.36 38.20
CA ALA B 210 -7.91 2.19 36.96
C ALA B 210 -6.46 1.77 37.18
N VAL B 211 -5.93 2.05 38.37
N VAL B 211 -5.97 2.05 38.39
CA VAL B 211 -4.59 1.57 38.71
CA VAL B 211 -4.65 1.59 38.81
C VAL B 211 -4.55 0.04 38.63
C VAL B 211 -4.55 0.07 38.77
N ALA B 212 -5.68 -0.64 38.84
CA ALA B 212 -5.68 -2.15 38.78
C ALA B 212 -5.12 -2.72 37.46
N LEU B 213 -5.33 -2.00 36.34
CA LEU B 213 -4.81 -2.47 35.05
C LEU B 213 -3.28 -2.60 35.07
N SER B 214 -2.56 -1.53 35.42
CA SER B 214 -1.13 -1.64 35.41
C SER B 214 -0.62 -2.51 36.59
N ALA B 215 -1.30 -2.47 37.71
CA ALA B 215 -0.89 -3.25 38.89
C ALA B 215 -1.02 -4.75 38.53
N ALA B 216 -2.10 -5.11 37.84
CA ALA B 216 -2.25 -6.51 37.39
C ALA B 216 -1.17 -7.03 36.49
N LEU B 217 -0.81 -6.19 35.53
CA LEU B 217 0.17 -6.56 34.51
C LEU B 217 1.52 -6.67 35.12
N THR B 218 1.90 -5.74 36.00
CA THR B 218 3.24 -5.83 36.61
CA THR B 218 3.25 -5.83 36.59
C THR B 218 3.30 -6.96 37.63
N ALA B 219 2.19 -7.23 38.33
CA ALA B 219 2.18 -8.44 39.16
C ALA B 219 2.40 -9.68 38.28
N ALA B 220 1.70 -9.72 37.15
CA ALA B 220 1.89 -10.84 36.23
C ALA B 220 3.32 -10.99 35.74
N ALA B 221 3.99 -9.88 35.35
CA ALA B 221 5.30 -9.95 34.81
C ALA B 221 6.25 -10.49 35.88
N HIS B 222 6.01 -10.17 37.16
CA HIS B 222 6.86 -10.75 38.23
C HIS B 222 6.44 -12.18 38.65
N ALA B 223 5.17 -12.51 38.54
CA ALA B 223 4.74 -13.87 38.87
C ALA B 223 5.25 -14.86 37.83
N ALA B 224 5.66 -14.32 36.66
CA ALA B 224 6.05 -15.11 35.47
C ALA B 224 7.15 -16.15 35.70
N THR B 225 7.99 -15.97 36.73
CA THR B 225 8.97 -17.01 37.10
C THR B 225 8.34 -18.32 37.44
N ALA B 226 7.09 -18.26 37.93
CA ALA B 226 6.30 -19.42 38.28
C ALA B 226 5.47 -19.96 37.11
N GLY B 227 5.68 -19.43 35.90
CA GLY B 227 4.98 -19.95 34.74
C GLY B 227 3.79 -19.14 34.27
N ALA B 228 3.32 -19.50 33.09
CA ALA B 228 2.34 -18.67 32.41
C ALA B 228 0.98 -18.67 33.13
N GLN B 229 0.58 -19.84 33.64
CA GLN B 229 -0.68 -19.86 34.37
C GLN B 229 -0.65 -18.95 35.67
N ALA B 230 0.45 -19.03 36.39
CA ALA B 230 0.61 -18.23 37.62
C ALA B 230 0.51 -16.75 37.23
N ALA B 231 1.16 -16.38 36.10
CA ALA B 231 1.17 -14.95 35.65
C ALA B 231 -0.24 -14.48 35.35
N LEU B 232 -0.98 -15.26 34.55
CA LEU B 232 -2.42 -14.95 34.33
C LEU B 232 -3.33 -14.91 35.52
N ASP B 233 -3.20 -15.87 36.43
CA ASP B 233 -4.03 -15.85 37.62
C ASP B 233 -3.68 -14.66 38.53
N ALA B 234 -2.38 -14.33 38.66
CA ALA B 234 -2.01 -13.13 39.44
C ALA B 234 -2.74 -11.86 38.86
N ALA B 235 -2.65 -11.68 37.56
CA ALA B 235 -3.33 -10.52 36.96
C ALA B 235 -4.83 -10.52 37.18
N ARG B 236 -5.43 -11.67 36.94
CA ARG B 236 -6.86 -11.81 37.15
C ARG B 236 -7.25 -11.51 38.60
N ALA B 237 -6.42 -11.96 39.55
CA ALA B 237 -6.68 -11.63 40.95
C ALA B 237 -6.69 -10.13 41.20
N VAL B 238 -5.71 -9.38 40.66
CA VAL B 238 -5.65 -7.98 40.93
C VAL B 238 -6.88 -7.27 40.34
N LEU B 239 -7.21 -7.65 39.12
CA LEU B 239 -8.44 -7.15 38.45
C LEU B 239 -9.68 -7.46 39.27
N ASP B 240 -9.80 -8.66 39.81
CA ASP B 240 -10.98 -9.06 40.64
C ASP B 240 -11.09 -8.24 41.98
N ALA B 241 -9.99 -7.61 42.41
CA ALA B 241 -9.99 -6.84 43.65
C ALA B 241 -10.49 -5.39 43.39
N ALA B 242 -10.69 -4.99 42.15
CA ALA B 242 -11.14 -3.62 41.88
C ALA B 242 -12.65 -3.61 41.61
N PRO B 243 -13.37 -2.65 42.20
CA PRO B 243 -14.81 -2.48 41.82
C PRO B 243 -15.02 -1.66 40.51
N GLY B 244 -16.05 -2.00 39.73
CA GLY B 244 -16.44 -1.11 38.61
C GLY B 244 -15.51 -1.30 37.41
N VAL B 245 -14.81 -2.45 37.35
CA VAL B 245 -13.80 -2.69 36.31
C VAL B 245 -14.25 -3.93 35.57
N ALA B 246 -14.85 -3.71 34.41
CA ALA B 246 -15.46 -4.80 33.64
C ALA B 246 -14.41 -5.20 32.60
N VAL B 247 -13.85 -6.39 32.75
CA VAL B 247 -12.72 -6.77 31.95
C VAL B 247 -13.19 -7.33 30.60
N ASP B 248 -12.72 -6.78 29.48
CA ASP B 248 -13.12 -7.29 28.19
C ASP B 248 -12.25 -8.45 27.75
N TYR B 249 -10.94 -8.30 27.89
CA TYR B 249 -10.07 -9.46 27.63
C TYR B 249 -8.84 -9.33 28.50
N LEU B 250 -8.20 -10.47 28.77
CA LEU B 250 -6.90 -10.52 29.42
C LEU B 250 -6.15 -11.67 28.70
N GLU B 251 -5.23 -11.29 27.82
N GLU B 251 -5.20 -11.27 27.86
CA GLU B 251 -4.66 -12.26 26.92
CA GLU B 251 -4.59 -12.18 26.92
C GLU B 251 -3.15 -12.22 26.86
C GLU B 251 -3.10 -12.20 26.90
N LEU B 252 -2.56 -13.41 26.98
CA LEU B 252 -1.12 -13.60 26.87
C LEU B 252 -0.79 -14.07 25.42
N ARG B 253 0.08 -13.34 24.73
N ARG B 253 0.10 -13.34 24.75
CA ARG B 253 0.41 -13.64 23.32
CA ARG B 253 0.44 -13.64 23.35
C ARG B 253 1.92 -13.58 23.14
C ARG B 253 1.94 -13.60 23.16
N ASP B 254 2.44 -13.98 21.97
CA ASP B 254 3.90 -13.81 21.72
C ASP B 254 4.09 -12.35 21.33
N ILE B 255 5.30 -11.92 21.08
CA ILE B 255 5.52 -10.48 20.94
C ILE B 255 4.94 -9.95 19.63
N GLY B 256 4.65 -10.86 18.67
CA GLY B 256 4.04 -10.49 17.39
C GLY B 256 2.51 -10.66 17.42
N LEU B 257 1.99 -11.00 18.60
CA LEU B 257 0.55 -11.17 18.92
C LEU B 257 -0.06 -12.49 18.35
N GLY B 258 0.81 -13.42 17.96
CA GLY B 258 0.36 -14.80 17.72
C GLY B 258 0.24 -15.57 19.05
N PRO B 259 0.03 -16.91 18.99
CA PRO B 259 -0.06 -17.75 20.21
C PRO B 259 1.19 -17.70 21.05
N MET B 260 1.03 -17.67 22.36
CA MET B 260 2.18 -17.60 23.27
C MET B 260 2.90 -18.93 23.16
N PRO B 261 4.23 -18.89 22.92
CA PRO B 261 5.06 -20.10 22.91
C PRO B 261 5.26 -20.57 24.34
N LEU B 262 5.42 -21.88 24.53
CA LEU B 262 5.58 -22.45 25.88
C LEU B 262 6.56 -21.74 26.86
N ASN B 263 7.69 -21.25 26.38
CA ASN B 263 8.50 -20.32 27.16
C ASN B 263 8.85 -19.10 26.31
N GLY B 264 9.95 -18.43 26.61
CA GLY B 264 10.36 -17.27 25.81
C GLY B 264 9.57 -16.00 26.12
N SER B 265 9.64 -15.05 25.21
CA SER B 265 9.14 -13.72 25.43
C SER B 265 7.72 -13.56 24.96
N GLY B 266 6.97 -12.67 25.61
CA GLY B 266 5.57 -12.52 25.29
C GLY B 266 5.05 -11.12 25.63
N ARG B 267 3.75 -10.97 25.45
CA ARG B 267 3.04 -9.75 25.79
C ARG B 267 1.74 -10.13 26.43
N LEU B 268 1.41 -9.44 27.54
CA LEU B 268 0.17 -9.66 28.21
C LEU B 268 -0.64 -8.41 27.95
N LEU B 269 -1.87 -8.58 27.47
CA LEU B 269 -2.72 -7.45 27.13
C LEU B 269 -4.04 -7.49 27.90
N VAL B 270 -4.43 -6.31 28.35
CA VAL B 270 -5.73 -6.13 29.01
C VAL B 270 -6.51 -4.95 28.40
N ALA B 271 -7.84 -5.10 28.39
CA ALA B 271 -8.80 -4.02 28.13
C ALA B 271 -9.97 -4.16 29.09
N ALA B 272 -10.44 -3.03 29.59
CA ALA B 272 -11.57 -3.01 30.52
C ALA B 272 -12.39 -1.75 30.40
N ARG B 273 -13.68 -1.87 30.73
CA ARG B 273 -14.59 -0.70 30.83
C ARG B 273 -14.75 -0.24 32.26
N LEU B 274 -14.52 1.05 32.49
CA LEU B 274 -14.80 1.64 33.80
C LEU B 274 -15.85 2.72 33.53
N GLY B 275 -17.11 2.39 33.82
CA GLY B 275 -18.22 3.33 33.62
C GLY B 275 -18.36 3.41 32.11
N THR B 276 -18.16 4.59 31.54
CA THR B 276 -18.23 4.74 30.08
C THR B 276 -16.87 4.72 29.35
N THR B 277 -15.79 4.74 30.09
CA THR B 277 -14.47 4.82 29.51
C THR B 277 -13.81 3.41 29.33
N ARG B 278 -13.31 3.11 28.15
CA ARG B 278 -12.53 1.91 27.88
C ARG B 278 -11.05 2.23 28.06
N LEU B 279 -10.38 1.43 28.91
CA LEU B 279 -8.93 1.59 29.19
C LEU B 279 -8.19 0.32 28.70
N LEU B 280 -6.93 0.47 28.27
CA LEU B 280 -6.12 -0.65 27.75
C LEU B 280 -4.77 -0.55 28.34
N ASP B 281 -4.11 -1.70 28.52
CA ASP B 281 -2.70 -1.64 28.91
C ASP B 281 -2.02 -2.89 28.44
N ASN B 282 -0.70 -2.86 28.33
CA ASN B 282 -0.01 -4.11 28.05
C ASN B 282 1.38 -4.08 28.62
N ILE B 283 2.02 -5.24 28.68
CA ILE B 283 3.38 -5.33 29.23
C ILE B 283 4.18 -6.51 28.66
N ALA B 284 5.49 -6.31 28.56
CA ALA B 284 6.43 -7.43 28.22
C ALA B 284 6.42 -8.48 29.33
N ILE B 285 6.39 -9.74 28.95
CA ILE B 285 6.42 -10.88 29.86
C ILE B 285 7.49 -11.90 29.37
N GLU B 286 8.18 -12.54 30.31
CA GLU B 286 9.24 -13.52 29.99
C GLU B 286 8.87 -14.75 30.78
N ILE B 287 8.49 -15.80 30.08
CA ILE B 287 7.95 -17.01 30.74
C ILE B 287 9.02 -17.96 31.34
N GLY B 288 9.03 -18.03 32.69
CA GLY B 288 9.87 -18.92 33.50
C GLY B 288 11.11 -18.30 34.14
#